data_9KLX
#
_entry.id   9KLX
#
_cell.length_a   127.610
_cell.length_b   51.090
_cell.length_c   41.750
_cell.angle_alpha   90.000
_cell.angle_beta   96.300
_cell.angle_gamma   90.000
#
_symmetry.space_group_name_H-M   'C 1 2 1'
#
loop_
_entity.id
_entity.type
_entity.pdbx_description
1 polymer 'Class I SAM-dependent methyltransferase'
2 non-polymer 'CHLORIDE ION'
3 non-polymer "(S)-N-((2R,3S,3a'R,4R,11'S)-3-((2-amino-6-oxo-1,6-dihydro-7H-purin-7-yl)methyl)-3,7',11'-trihydroxy-5',8'-dioxo-3a',4,5,5',8',9',10',11'-octahydro-3H,3'H-spiro[furan-2,2'-furo[2,3,4-de]naphtho[2,3-h]chromen]-4-yl)-1-methylpiperidine-2-carboxamide"
4 non-polymer 'ACETATE ION'
5 water water
#
_entity_poly.entity_id   1
_entity_poly.type   'polypeptide(L)'
_entity_poly.pdbx_seq_one_letter_code
;MGSSHHHHHHSSGLVPRGSHMMTTDITEATGSTAVTEANGATTGITGPVPAGAAGAPGHEPLLGDPFGAVLRRCLDGGGT
RDLAFEVVERDDGFIIAQDAGIYFAPPGEWPPTEQWAVERARGRVLDVGCGAGRHGLALREAGLDVLGVDSSPGAAEVAR
ERGLDVLEARFTELPARLPDGAGPFDTFLLLGNGTGLLGTPAQARETLGALAEVAAPGAVILGDGLDVPVPPDRAAYERW
NAERGRPEGFVRIRLRDRLLVGEWFDYAMISPDDLGRVLAGTRWDLASVERAGVRYLATLRLRD
;
_entity_poly.pdbx_strand_id   A
#
# COMPACT_ATOMS: atom_id res chain seq x y z
N GLY A 52 7.81 30.06 1.93
CA GLY A 52 8.12 30.19 3.34
C GLY A 52 7.56 29.06 4.19
N ALA A 53 8.41 28.46 5.02
CA ALA A 53 8.00 27.31 5.81
C ALA A 53 7.20 27.74 7.04
N ALA A 54 6.18 26.96 7.38
CA ALA A 54 5.37 27.18 8.56
C ALA A 54 5.98 26.47 9.76
N GLY A 55 5.66 26.97 10.95
CA GLY A 55 6.12 26.35 12.16
C GLY A 55 7.17 27.19 12.87
N ALA A 56 7.18 27.09 14.20
CA ALA A 56 8.17 27.75 15.04
C ALA A 56 8.52 26.79 16.17
N PRO A 57 9.76 26.85 16.66
CA PRO A 57 10.15 25.99 17.79
C PRO A 57 9.17 26.06 18.95
N GLY A 58 8.53 24.92 19.27
CA GLY A 58 7.50 24.85 20.29
C GLY A 58 6.09 24.84 19.74
N HIS A 59 5.90 25.22 18.47
CA HIS A 59 4.60 25.26 17.81
C HIS A 59 4.81 24.72 16.39
N GLU A 60 5.01 23.42 16.30
CA GLU A 60 5.37 22.79 15.04
C GLU A 60 4.88 21.36 15.07
N PRO A 61 4.71 20.73 13.91
CA PRO A 61 4.11 19.40 13.90
C PRO A 61 5.06 18.35 14.45
N LEU A 62 4.48 17.33 15.09
CA LEU A 62 5.22 16.28 15.76
C LEU A 62 5.10 14.96 15.00
N LEU A 63 6.18 14.17 15.02
CA LEU A 63 6.14 12.84 14.41
C LEU A 63 5.06 11.98 15.05
N GLY A 64 4.30 11.26 14.23
CA GLY A 64 3.23 10.43 14.76
C GLY A 64 2.58 9.56 13.71
N ASP A 65 1.30 9.25 13.89
CA ASP A 65 0.56 8.35 13.01
C ASP A 65 -0.63 9.10 12.38
N PRO A 66 -0.36 10.05 11.48
CA PRO A 66 -1.49 10.76 10.85
C PRO A 66 -2.38 9.87 10.02
N PHE A 67 -1.83 8.83 9.39
CA PHE A 67 -2.67 7.94 8.60
C PHE A 67 -3.75 7.31 9.46
N GLY A 68 -3.37 6.77 10.61
CA GLY A 68 -4.34 6.12 11.48
C GLY A 68 -5.29 7.12 12.11
N ALA A 69 -4.79 8.31 12.44
CA ALA A 69 -5.68 9.34 12.98
C ALA A 69 -6.79 9.67 12.00
N VAL A 70 -6.44 9.83 10.73
CA VAL A 70 -7.44 10.14 9.71
C VAL A 70 -8.45 9.00 9.59
N LEU A 71 -7.97 7.76 9.51
CA LEU A 71 -8.90 6.64 9.39
C LEU A 71 -9.84 6.55 10.59
N ARG A 72 -9.33 6.79 11.79
CA ARG A 72 -10.14 6.72 13.00
C ARG A 72 -11.22 7.80 13.01
N ARG A 73 -10.88 9.01 12.60
CA ARG A 73 -11.87 10.07 12.48
C ARG A 73 -12.95 9.70 11.48
N CYS A 74 -12.55 9.11 10.34
CA CYS A 74 -13.53 8.76 9.32
C CYS A 74 -14.47 7.68 9.83
N LEU A 75 -13.92 6.64 10.47
CA LEU A 75 -14.75 5.56 11.00
C LEU A 75 -15.74 6.09 12.03
N ASP A 76 -15.25 6.91 12.95
CA ASP A 76 -16.10 7.47 14.01
C ASP A 76 -17.27 8.26 13.43
N GLY A 77 -17.12 8.82 12.24
CA GLY A 77 -18.19 9.57 11.63
C GLY A 77 -19.10 8.76 10.74
N GLY A 78 -18.93 7.45 10.70
CA GLY A 78 -19.72 6.59 9.85
C GLY A 78 -18.99 6.01 8.66
N GLY A 79 -17.71 6.33 8.47
CA GLY A 79 -16.97 5.79 7.35
C GLY A 79 -17.50 6.20 6.00
N THR A 80 -18.11 7.38 5.90
CA THR A 80 -18.61 7.89 4.64
C THR A 80 -17.65 8.94 4.08
N ARG A 81 -17.93 9.38 2.86
CA ARG A 81 -17.07 10.33 2.20
C ARG A 81 -17.24 11.72 2.79
N ASP A 82 -16.23 12.56 2.56
CA ASP A 82 -16.22 13.96 3.00
C ASP A 82 -16.29 14.14 4.51
N LEU A 83 -15.73 13.20 5.26
CA LEU A 83 -15.56 13.32 6.71
C LEU A 83 -14.13 13.62 7.10
N ALA A 84 -13.16 12.99 6.46
CA ALA A 84 -11.76 13.17 6.82
C ALA A 84 -10.94 12.97 5.55
N PHE A 85 -9.77 13.60 5.50
CA PHE A 85 -8.96 13.55 4.29
C PHE A 85 -7.52 13.22 4.61
N GLU A 86 -6.94 12.38 3.79
CA GLU A 86 -5.51 12.07 3.82
CA GLU A 86 -5.50 12.10 3.87
C GLU A 86 -4.76 13.15 3.04
N VAL A 87 -3.81 13.83 3.66
CA VAL A 87 -3.03 14.88 3.01
C VAL A 87 -1.59 14.43 2.88
N VAL A 88 -1.06 14.56 1.68
CA VAL A 88 0.28 14.07 1.36
C VAL A 88 1.15 15.26 0.98
N GLU A 89 2.33 15.35 1.59
CA GLU A 89 3.32 16.37 1.28
C GLU A 89 4.58 15.70 0.72
N ARG A 90 5.00 16.12 -0.47
CA ARG A 90 6.26 15.65 -1.05
C ARG A 90 7.43 16.46 -0.49
N ASP A 91 8.66 15.97 -0.72
CA ASP A 91 9.79 16.66 -0.09
C ASP A 91 10.14 17.98 -0.75
N ASP A 92 9.51 18.35 -1.86
CA ASP A 92 9.60 19.72 -2.38
C ASP A 92 8.41 20.59 -1.94
N GLY A 93 7.52 20.07 -1.12
CA GLY A 93 6.37 20.84 -0.67
C GLY A 93 5.12 20.63 -1.50
N PHE A 94 5.18 19.79 -2.53
CA PHE A 94 3.99 19.45 -3.32
C PHE A 94 2.94 18.82 -2.41
N ILE A 95 1.69 19.30 -2.52
CA ILE A 95 0.58 18.89 -1.67
C ILE A 95 -0.52 18.26 -2.53
N ILE A 96 -0.98 17.07 -2.13
CA ILE A 96 -2.16 16.45 -2.73
C ILE A 96 -2.93 15.79 -1.61
N ALA A 97 -4.24 15.63 -1.80
CA ALA A 97 -5.06 14.98 -0.78
C ALA A 97 -5.97 13.92 -1.39
N GLN A 98 -6.51 13.07 -0.52
CA GLN A 98 -7.40 11.99 -0.89
C GLN A 98 -8.47 11.86 0.19
N ASP A 99 -9.69 11.50 -0.22
CA ASP A 99 -10.76 11.30 0.75
C ASP A 99 -10.55 9.99 1.49
N ALA A 100 -10.55 10.03 2.82
CA ALA A 100 -10.34 8.80 3.58
C ALA A 100 -11.50 7.83 3.42
N GLY A 101 -12.67 8.30 2.95
CA GLY A 101 -13.79 7.41 2.67
C GLY A 101 -13.47 6.27 1.68
N ILE A 102 -12.45 6.44 0.84
CA ILE A 102 -12.10 5.37 -0.11
C ILE A 102 -11.65 4.12 0.64
N TYR A 103 -11.13 4.27 1.86
CA TYR A 103 -10.70 3.13 2.66
C TYR A 103 -11.87 2.37 3.26
N PHE A 104 -13.07 2.92 3.19
CA PHE A 104 -14.27 2.31 3.76
C PHE A 104 -15.31 1.97 2.70
N ALA A 105 -14.96 2.14 1.43
CA ALA A 105 -15.90 1.93 0.34
C ALA A 105 -16.17 0.44 0.13
N PRO A 106 -17.38 0.10 -0.32
CA PRO A 106 -17.72 -1.30 -0.58
C PRO A 106 -17.11 -1.77 -1.88
N PRO A 107 -17.03 -3.09 -2.10
CA PRO A 107 -16.34 -3.59 -3.31
C PRO A 107 -16.84 -2.99 -4.60
N GLY A 108 -18.14 -2.71 -4.71
CA GLY A 108 -18.67 -2.16 -5.95
C GLY A 108 -18.11 -0.79 -6.31
N GLU A 109 -17.63 -0.05 -5.31
CA GLU A 109 -17.09 1.29 -5.54
C GLU A 109 -15.58 1.30 -5.77
N TRP A 110 -14.89 0.16 -5.67
CA TRP A 110 -13.45 0.19 -5.87
C TRP A 110 -13.11 0.30 -7.35
N PRO A 111 -11.91 0.77 -7.67
CA PRO A 111 -11.41 0.65 -9.05
C PRO A 111 -11.48 -0.79 -9.52
N PRO A 112 -11.74 -1.00 -10.80
CA PRO A 112 -11.91 -2.38 -11.28
C PRO A 112 -10.72 -3.28 -11.03
N THR A 113 -9.48 -2.76 -11.09
CA THR A 113 -8.31 -3.60 -10.84
C THR A 113 -8.36 -4.24 -9.45
N GLU A 114 -8.87 -3.49 -8.46
CA GLU A 114 -9.04 -4.03 -7.11
C GLU A 114 -10.15 -5.05 -7.06
N GLN A 115 -11.26 -4.79 -7.76
CA GLN A 115 -12.34 -5.77 -7.78
C GLN A 115 -11.85 -7.10 -8.36
N TRP A 116 -11.14 -7.05 -9.50
CA TRP A 116 -10.63 -8.27 -10.12
C TRP A 116 -9.75 -9.06 -9.17
N ALA A 117 -8.88 -8.36 -8.43
CA ALA A 117 -7.95 -9.07 -7.56
C ALA A 117 -8.71 -9.82 -6.47
N VAL A 118 -9.74 -9.18 -5.91
CA VAL A 118 -10.52 -9.85 -4.87
C VAL A 118 -11.38 -10.97 -5.45
N GLU A 119 -11.84 -10.83 -6.71
CA GLU A 119 -12.58 -11.92 -7.35
C GLU A 119 -11.70 -13.13 -7.65
N ARG A 120 -10.39 -12.94 -7.79
CA ARG A 120 -9.46 -14.01 -8.12
CA ARG A 120 -9.48 -14.03 -8.12
C ARG A 120 -8.78 -14.62 -6.91
N ALA A 121 -8.87 -13.99 -5.74
CA ALA A 121 -8.17 -14.47 -4.56
C ALA A 121 -8.65 -15.86 -4.18
N ARG A 122 -7.71 -16.71 -3.78
CA ARG A 122 -8.03 -18.07 -3.36
C ARG A 122 -7.10 -18.46 -2.22
N GLY A 123 -7.55 -19.42 -1.42
CA GLY A 123 -6.69 -20.01 -0.41
C GLY A 123 -6.47 -19.11 0.79
N ARG A 124 -5.32 -19.28 1.42
CA ARG A 124 -4.93 -18.46 2.55
C ARG A 124 -4.42 -17.14 2.01
N VAL A 125 -5.02 -16.04 2.46
CA VAL A 125 -4.79 -14.70 1.90
C VAL A 125 -4.07 -13.83 2.94
N LEU A 126 -3.03 -13.13 2.51
CA LEU A 126 -2.41 -12.06 3.28
C LEU A 126 -2.68 -10.74 2.56
N ASP A 127 -3.36 -9.81 3.25
CA ASP A 127 -3.65 -8.48 2.71
C ASP A 127 -2.51 -7.57 3.14
N VAL A 128 -1.57 -7.30 2.23
CA VAL A 128 -0.31 -6.66 2.57
C VAL A 128 -0.49 -5.14 2.45
N GLY A 129 -0.39 -4.44 3.59
CA GLY A 129 -0.72 -3.03 3.66
C GLY A 129 -2.22 -2.85 3.58
N CYS A 130 -2.96 -3.38 4.56
CA CYS A 130 -4.39 -3.55 4.40
C CYS A 130 -5.19 -2.28 4.70
N GLY A 131 -4.54 -1.22 5.16
CA GLY A 131 -5.26 0.03 5.44
C GLY A 131 -6.34 -0.17 6.47
N ALA A 132 -7.56 0.28 6.16
CA ALA A 132 -8.71 0.02 7.04
C ALA A 132 -9.33 -1.35 6.79
N GLY A 133 -8.72 -2.19 5.97
CA GLY A 133 -9.17 -3.56 5.82
C GLY A 133 -10.19 -3.84 4.74
N ARG A 134 -10.42 -2.93 3.80
CA ARG A 134 -11.56 -3.08 2.89
C ARG A 134 -11.45 -4.33 2.02
N HIS A 135 -10.24 -4.67 1.59
CA HIS A 135 -10.11 -5.82 0.71
C HIS A 135 -10.24 -7.11 1.51
N GLY A 136 -9.48 -7.21 2.60
CA GLY A 136 -9.54 -8.42 3.42
C GLY A 136 -10.91 -8.65 4.03
N LEU A 137 -11.58 -7.58 4.43
CA LEU A 137 -12.92 -7.73 4.99
C LEU A 137 -13.88 -8.34 3.99
N ALA A 138 -13.76 -7.95 2.72
CA ALA A 138 -14.65 -8.48 1.70
C ALA A 138 -14.41 -9.97 1.50
N LEU A 139 -13.15 -10.39 1.58
CA LEU A 139 -12.82 -11.81 1.45
C LEU A 139 -13.24 -12.60 2.69
N ARG A 140 -13.13 -12.00 3.88
CA ARG A 140 -13.55 -12.67 5.09
C ARG A 140 -15.06 -12.93 5.08
N GLU A 141 -15.84 -11.98 4.58
CA GLU A 141 -17.28 -12.18 4.48
C GLU A 141 -17.63 -13.20 3.40
N ALA A 142 -16.78 -13.38 2.41
CA ALA A 142 -16.97 -14.41 1.39
C ALA A 142 -16.48 -15.78 1.85
N GLY A 143 -15.90 -15.88 3.04
CA GLY A 143 -15.56 -17.16 3.62
C GLY A 143 -14.11 -17.56 3.56
N LEU A 144 -13.21 -16.66 3.17
CA LEU A 144 -11.81 -17.02 3.04
C LEU A 144 -11.05 -16.80 4.35
N ASP A 145 -9.94 -17.52 4.47
CA ASP A 145 -9.00 -17.34 5.58
C ASP A 145 -8.07 -16.19 5.21
N VAL A 146 -8.20 -15.06 5.91
CA VAL A 146 -7.54 -13.81 5.54
C VAL A 146 -6.86 -13.20 6.76
N LEU A 147 -5.64 -12.71 6.58
CA LEU A 147 -4.93 -11.92 7.58
C LEU A 147 -4.44 -10.63 6.94
N GLY A 148 -4.49 -9.52 7.67
CA GLY A 148 -4.00 -8.25 7.19
C GLY A 148 -2.72 -7.85 7.90
N VAL A 149 -1.90 -7.05 7.22
N VAL A 149 -1.89 -7.05 7.23
CA VAL A 149 -0.69 -6.47 7.80
CA VAL A 149 -0.69 -6.50 7.85
C VAL A 149 -0.68 -4.99 7.45
C VAL A 149 -0.60 -5.02 7.46
N ASP A 150 -0.40 -4.16 8.45
CA ASP A 150 -0.19 -2.74 8.18
CA ASP A 150 -0.12 -2.76 8.14
C ASP A 150 0.80 -2.19 9.21
N SER A 151 1.58 -1.19 8.80
CA SER A 151 2.57 -0.61 9.70
C SER A 151 1.99 0.51 10.56
N SER A 152 0.82 1.02 10.23
CA SER A 152 0.22 2.09 11.01
C SER A 152 -0.55 1.50 12.19
N PRO A 153 -0.21 1.86 13.43
CA PRO A 153 -0.97 1.31 14.57
C PRO A 153 -2.44 1.72 14.56
N GLY A 154 -2.72 2.96 14.17
CA GLY A 154 -4.11 3.39 14.11
C GLY A 154 -4.90 2.69 13.02
N ALA A 155 -4.28 2.49 11.84
CA ALA A 155 -4.93 1.74 10.79
C ALA A 155 -5.25 0.32 11.23
N ALA A 156 -4.30 -0.32 11.91
CA ALA A 156 -4.53 -1.69 12.36
C ALA A 156 -5.71 -1.76 13.32
N GLU A 157 -5.78 -0.81 14.25
CA GLU A 157 -6.89 -0.79 15.20
CA GLU A 157 -6.88 -0.78 15.21
C GLU A 157 -8.22 -0.61 14.49
N VAL A 158 -8.29 0.30 13.52
CA VAL A 158 -9.52 0.49 12.75
C VAL A 158 -9.91 -0.80 12.04
N ALA A 159 -8.96 -1.40 11.30
CA ALA A 159 -9.26 -2.64 10.60
C ALA A 159 -9.73 -3.73 11.55
N ARG A 160 -9.08 -3.85 12.71
CA ARG A 160 -9.53 -4.81 13.71
C ARG A 160 -10.95 -4.52 14.16
N GLU A 161 -11.24 -3.24 14.47
CA GLU A 161 -12.60 -2.89 14.91
C GLU A 161 -13.63 -3.31 13.87
N ARG A 162 -13.29 -3.20 12.58
CA ARG A 162 -14.22 -3.60 11.53
C ARG A 162 -14.34 -5.12 11.38
N GLY A 163 -13.42 -5.89 11.96
CA GLY A 163 -13.56 -7.34 11.97
C GLY A 163 -12.46 -8.13 11.33
N LEU A 164 -11.38 -7.48 10.90
CA LEU A 164 -10.28 -8.15 10.23
C LEU A 164 -9.16 -8.43 11.22
N ASP A 165 -8.64 -9.67 11.22
CA ASP A 165 -7.41 -9.94 11.97
C ASP A 165 -6.26 -9.22 11.30
N VAL A 166 -5.48 -8.49 12.08
CA VAL A 166 -4.41 -7.66 11.52
C VAL A 166 -3.18 -7.77 12.40
N LEU A 167 -2.02 -7.98 11.77
CA LEU A 167 -0.73 -7.87 12.43
C LEU A 167 -0.16 -6.49 12.11
N GLU A 168 0.26 -5.76 13.14
CA GLU A 168 0.97 -4.50 12.95
C GLU A 168 2.46 -4.81 12.83
N ALA A 169 3.05 -4.53 11.67
CA ALA A 169 4.43 -4.88 11.40
C ALA A 169 4.88 -4.22 10.12
N ARG A 170 6.18 -3.97 10.01
CA ARG A 170 6.75 -3.71 8.70
C ARG A 170 6.83 -5.01 7.92
N PHE A 171 6.73 -4.91 6.60
CA PHE A 171 6.60 -6.10 5.76
C PHE A 171 7.81 -7.03 5.89
N THR A 172 9.01 -6.46 5.99
CA THR A 172 10.21 -7.29 6.09
C THR A 172 10.26 -8.09 7.38
N GLU A 173 9.50 -7.67 8.40
CA GLU A 173 9.43 -8.36 9.68
C GLU A 173 8.41 -9.49 9.69
N LEU A 174 7.63 -9.66 8.63
CA LEU A 174 6.60 -10.71 8.60
C LEU A 174 7.08 -12.11 8.99
N PRO A 175 8.19 -12.65 8.45
CA PRO A 175 8.58 -14.01 8.83
C PRO A 175 8.81 -14.17 10.32
N ALA A 176 9.27 -13.12 10.99
CA ALA A 176 9.57 -13.22 12.41
C ALA A 176 8.34 -13.02 13.27
N ARG A 177 7.41 -12.15 12.86
CA ARG A 177 6.32 -11.76 13.72
C ARG A 177 5.07 -12.61 13.54
N LEU A 178 4.92 -13.31 12.42
CA LEU A 178 3.73 -14.13 12.21
C LEU A 178 3.76 -15.34 13.13
N PRO A 179 2.60 -15.79 13.62
CA PRO A 179 2.57 -17.08 14.33
C PRO A 179 2.95 -18.22 13.40
N ASP A 180 3.36 -19.34 14.01
CA ASP A 180 3.69 -20.51 13.20
C ASP A 180 2.45 -21.05 12.49
N GLY A 181 1.28 -20.94 13.10
CA GLY A 181 0.06 -21.45 12.49
C GLY A 181 -0.54 -20.58 11.41
N ALA A 182 -0.01 -19.37 11.22
CA ALA A 182 -0.47 -18.51 10.13
C ALA A 182 0.24 -18.92 8.84
N GLY A 183 -0.49 -18.84 7.73
CA GLY A 183 0.07 -19.22 6.45
C GLY A 183 0.45 -20.68 6.41
N PRO A 184 1.28 -21.09 5.44
CA PRO A 184 1.81 -20.24 4.37
C PRO A 184 0.69 -19.73 3.47
N PHE A 185 0.94 -18.63 2.78
CA PHE A 185 -0.13 -17.93 2.08
C PHE A 185 -0.12 -18.27 0.61
N ASP A 186 -1.30 -18.51 0.06
CA ASP A 186 -1.47 -18.78 -1.36
C ASP A 186 -1.65 -17.51 -2.17
N THR A 187 -2.20 -16.46 -1.57
CA THR A 187 -2.47 -15.23 -2.29
C THR A 187 -2.02 -14.08 -1.42
N PHE A 188 -1.24 -13.18 -1.98
CA PHE A 188 -0.89 -11.92 -1.34
C PHE A 188 -1.57 -10.79 -2.10
N LEU A 189 -2.25 -9.91 -1.36
CA LEU A 189 -2.87 -8.71 -1.93
C LEU A 189 -1.96 -7.52 -1.72
N LEU A 190 -1.66 -6.80 -2.82
CA LEU A 190 -0.94 -5.52 -2.75
C LEU A 190 -1.79 -4.53 -3.54
N LEU A 191 -2.86 -4.01 -2.92
CA LEU A 191 -3.88 -3.25 -3.63
C LEU A 191 -3.96 -1.82 -3.11
N GLY A 192 -4.32 -0.90 -4.02
CA GLY A 192 -4.33 0.53 -3.69
C GLY A 192 -3.03 1.14 -4.15
N ASN A 193 -2.77 1.04 -5.45
CA ASN A 193 -1.44 1.25 -6.02
C ASN A 193 -0.38 0.50 -5.20
N GLY A 194 -0.66 -0.78 -4.96
CA GLY A 194 0.23 -1.57 -4.11
C GLY A 194 1.64 -1.70 -4.66
N THR A 195 1.79 -1.82 -5.98
CA THR A 195 3.15 -1.97 -6.49
C THR A 195 3.97 -0.71 -6.26
N GLY A 196 3.31 0.45 -6.16
CA GLY A 196 4.02 1.70 -5.90
C GLY A 196 4.31 1.97 -4.44
N LEU A 197 3.80 1.13 -3.55
CA LEU A 197 4.07 1.24 -2.12
C LEU A 197 5.08 0.20 -1.64
N LEU A 198 5.71 -0.51 -2.57
CA LEU A 198 6.83 -1.39 -2.24
C LEU A 198 8.10 -0.63 -1.94
N GLY A 199 8.16 0.66 -2.24
CA GLY A 199 9.38 1.43 -2.04
C GLY A 199 10.29 1.39 -3.25
N THR A 200 11.51 1.90 -3.05
CA THR A 200 12.53 1.84 -4.08
C THR A 200 12.85 0.38 -4.40
N PRO A 201 13.50 0.11 -5.54
CA PRO A 201 13.78 -1.30 -5.89
C PRO A 201 14.47 -2.08 -4.78
N ALA A 202 15.45 -1.48 -4.11
CA ALA A 202 16.11 -2.15 -2.98
C ALA A 202 15.09 -2.58 -1.93
N GLN A 203 14.28 -1.63 -1.45
CA GLN A 203 13.28 -1.97 -0.45
C GLN A 203 12.27 -2.98 -0.98
N ALA A 204 11.86 -2.81 -2.23
CA ALA A 204 10.86 -3.69 -2.83
C ALA A 204 11.37 -5.13 -2.89
N ARG A 205 12.62 -5.33 -3.29
CA ARG A 205 13.13 -6.69 -3.30
C ARG A 205 13.24 -7.26 -1.88
N GLU A 206 13.51 -6.43 -0.88
CA GLU A 206 13.55 -6.93 0.49
C GLU A 206 12.16 -7.37 0.95
N THR A 207 11.13 -6.60 0.61
CA THR A 207 9.76 -7.01 0.94
C THR A 207 9.37 -8.27 0.21
N LEU A 208 9.67 -8.34 -1.09
CA LEU A 208 9.32 -9.52 -1.87
C LEU A 208 9.99 -10.78 -1.33
N GLY A 209 11.22 -10.64 -0.82
CA GLY A 209 11.90 -11.77 -0.19
C GLY A 209 11.21 -12.24 1.07
N ALA A 210 10.72 -11.30 1.89
CA ALA A 210 9.96 -11.65 3.08
C ALA A 210 8.66 -12.36 2.72
N LEU A 211 7.96 -11.86 1.69
CA LEU A 211 6.72 -12.51 1.29
C LEU A 211 7.00 -13.94 0.79
N ALA A 212 8.09 -14.10 0.04
CA ALA A 212 8.45 -15.44 -0.43
C ALA A 212 8.66 -16.41 0.74
N GLU A 213 9.22 -15.92 1.84
CA GLU A 213 9.48 -16.78 2.99
C GLU A 213 8.20 -17.29 3.65
N VAL A 214 7.08 -16.58 3.49
CA VAL A 214 5.83 -16.99 4.12
C VAL A 214 4.81 -17.46 3.09
N ALA A 215 5.23 -17.72 1.85
CA ALA A 215 4.32 -18.11 0.79
C ALA A 215 4.25 -19.63 0.62
N ALA A 216 3.06 -20.12 0.29
CA ALA A 216 2.88 -21.51 -0.09
C ALA A 216 3.43 -21.76 -1.49
N PRO A 217 3.84 -23.00 -1.80
CA PRO A 217 4.25 -23.29 -3.18
C PRO A 217 3.12 -22.92 -4.12
N GLY A 218 3.48 -22.27 -5.22
CA GLY A 218 2.46 -21.86 -6.17
C GLY A 218 1.76 -20.56 -5.85
N ALA A 219 2.24 -19.84 -4.85
CA ALA A 219 1.56 -18.62 -4.42
C ALA A 219 1.62 -17.54 -5.49
N VAL A 220 0.70 -16.57 -5.40
CA VAL A 220 0.66 -15.44 -6.33
C VAL A 220 0.53 -14.16 -5.54
N ILE A 221 1.10 -13.07 -6.06
CA ILE A 221 0.78 -11.71 -5.62
C ILE A 221 -0.15 -11.11 -6.64
N LEU A 222 -1.24 -10.52 -6.18
CA LEU A 222 -2.13 -9.74 -7.02
C LEU A 222 -1.89 -8.29 -6.63
N GLY A 223 -1.14 -7.57 -7.46
CA GLY A 223 -0.75 -6.22 -7.09
C GLY A 223 -1.15 -5.21 -8.14
N ASP A 224 -1.77 -4.12 -7.76
CA ASP A 224 -2.17 -3.17 -8.80
C ASP A 224 -1.21 -1.99 -8.81
N GLY A 225 -1.32 -1.18 -9.85
CA GLY A 225 -0.38 -0.09 -10.02
C GLY A 225 -0.95 0.95 -10.96
N LEU A 226 -0.13 1.98 -11.21
CA LEU A 226 -0.54 3.11 -12.01
C LEU A 226 0.49 3.36 -13.11
N ASP A 227 0.02 3.51 -14.34
CA ASP A 227 0.87 3.80 -15.50
C ASP A 227 0.39 5.14 -16.05
N VAL A 228 0.95 6.23 -15.55
CA VAL A 228 0.37 7.56 -15.80
C VAL A 228 1.28 8.39 -16.68
N PRO A 229 0.75 9.37 -17.40
CA PRO A 229 1.61 10.30 -18.14
C PRO A 229 2.39 11.19 -17.19
N VAL A 230 3.47 11.77 -17.71
CA VAL A 230 4.34 12.61 -16.90
C VAL A 230 4.14 14.07 -17.29
N PRO A 231 3.47 14.86 -16.45
CA PRO A 231 3.35 16.32 -16.71
C PRO A 231 4.70 17.01 -16.57
N PRO A 232 4.83 18.26 -17.06
CA PRO A 232 6.15 18.91 -16.95
C PRO A 232 6.59 19.11 -15.51
N ASP A 233 5.64 19.40 -14.62
CA ASP A 233 5.87 19.44 -13.18
C ASP A 233 6.58 18.19 -12.70
N ARG A 234 6.00 17.02 -13.03
CA ARG A 234 6.56 15.76 -12.58
C ARG A 234 7.92 15.49 -13.22
N ALA A 235 8.08 15.91 -14.47
CA ALA A 235 9.38 15.78 -15.13
C ALA A 235 10.45 16.60 -14.42
N ALA A 236 10.08 17.78 -13.90
CA ALA A 236 11.05 18.55 -13.14
C ALA A 236 11.47 17.82 -11.89
N TYR A 237 10.52 17.17 -11.20
CA TYR A 237 10.88 16.41 -10.01
C TYR A 237 11.78 15.24 -10.38
N GLU A 238 11.49 14.58 -11.50
CA GLU A 238 12.37 13.48 -11.96
C GLU A 238 13.78 13.97 -12.22
N ARG A 239 13.94 15.20 -12.70
CA ARG A 239 15.29 15.74 -12.84
C ARG A 239 15.95 15.92 -11.48
N TRP A 240 15.18 16.30 -10.47
CA TRP A 240 15.73 16.39 -9.11
C TRP A 240 16.13 15.01 -8.59
N ASN A 241 15.36 13.97 -8.91
CA ASN A 241 15.75 12.61 -8.55
C ASN A 241 17.12 12.28 -9.12
N ALA A 242 17.32 12.60 -10.39
CA ALA A 242 18.58 12.23 -11.04
C ALA A 242 19.75 13.00 -10.43
N GLU A 243 19.54 14.27 -10.08
CA GLU A 243 20.59 15.05 -9.41
C GLU A 243 20.99 14.44 -8.08
N ARG A 244 20.05 13.81 -7.39
CA ARG A 244 20.25 13.25 -6.07
C ARG A 244 20.63 11.78 -6.09
N GLY A 245 20.78 11.19 -7.27
CA GLY A 245 21.07 9.76 -7.36
C GLY A 245 19.96 8.87 -6.87
N ARG A 246 18.65 9.28 -7.10
CA ARG A 246 17.48 8.53 -6.72
C ARG A 246 16.86 7.86 -7.94
N PRO A 247 16.18 6.73 -7.74
CA PRO A 247 15.57 6.01 -8.86
C PRO A 247 14.51 6.85 -9.56
N GLU A 248 14.45 6.73 -10.88
CA GLU A 248 13.40 7.38 -11.64
C GLU A 248 12.05 6.81 -11.25
N GLY A 249 11.04 7.68 -11.18
CA GLY A 249 9.68 7.26 -10.93
C GLY A 249 9.23 7.41 -9.49
N PHE A 250 10.15 7.60 -8.55
CA PHE A 250 9.79 7.61 -7.14
C PHE A 250 9.70 9.04 -6.61
N VAL A 251 8.78 9.23 -5.66
CA VAL A 251 8.67 10.49 -4.92
C VAL A 251 8.82 10.16 -3.44
N ARG A 252 9.38 11.11 -2.72
CA ARG A 252 9.54 10.98 -1.28
C ARG A 252 8.46 11.83 -0.62
N ILE A 253 7.54 11.18 0.09
CA ILE A 253 6.33 11.82 0.59
C ILE A 253 6.12 11.47 2.05
N ARG A 254 5.19 12.19 2.68
CA ARG A 254 4.79 11.88 4.05
C ARG A 254 3.38 12.39 4.23
N LEU A 255 2.70 11.87 5.23
CA LEU A 255 1.33 12.30 5.50
C LEU A 255 1.32 13.36 6.58
N ARG A 256 0.34 14.27 6.47
CA ARG A 256 0.17 15.35 7.44
C ARG A 256 -1.29 15.39 7.87
N ASP A 257 -1.53 15.51 9.17
CA ASP A 257 -2.89 15.71 9.67
C ASP A 257 -2.83 16.43 11.01
N ARG A 258 -3.56 17.53 11.11
CA ARG A 258 -3.56 18.36 12.33
C ARG A 258 -2.09 18.65 12.65
N LEU A 259 -1.63 18.46 13.88
CA LEU A 259 -0.22 18.73 14.18
C LEU A 259 0.62 17.46 14.16
N LEU A 260 0.19 16.45 13.41
CA LEU A 260 0.96 15.22 13.25
C LEU A 260 1.58 15.18 11.86
N VAL A 261 2.81 14.66 11.81
CA VAL A 261 3.47 14.35 10.56
CA VAL A 261 3.50 14.37 10.57
C VAL A 261 3.96 12.91 10.63
N GLY A 262 3.88 12.21 9.51
CA GLY A 262 4.43 10.87 9.42
C GLY A 262 5.86 10.88 8.93
N GLU A 263 6.46 9.70 8.94
CA GLU A 263 7.82 9.58 8.44
C GLU A 263 7.84 9.64 6.92
N TRP A 264 8.96 10.11 6.36
CA TRP A 264 9.12 10.10 4.92
C TRP A 264 9.16 8.66 4.42
N PHE A 265 8.50 8.40 3.29
CA PHE A 265 8.59 7.10 2.64
C PHE A 265 8.59 7.29 1.13
N ASP A 266 9.00 6.25 0.40
CA ASP A 266 9.09 6.34 -1.05
C ASP A 266 7.85 5.76 -1.70
N TYR A 267 7.40 6.42 -2.76
CA TYR A 267 6.13 6.13 -3.41
C TYR A 267 6.31 6.33 -4.90
N ALA A 268 5.60 5.53 -5.69
CA ALA A 268 5.83 5.56 -7.13
C ALA A 268 4.60 5.12 -7.88
N MET A 269 4.54 5.54 -9.14
CA MET A 269 3.64 4.96 -10.12
C MET A 269 4.54 4.23 -11.12
N ILE A 270 4.60 2.90 -10.99
CA ILE A 270 5.52 2.06 -11.74
C ILE A 270 4.77 1.40 -12.90
N SER A 271 5.29 1.55 -14.11
CA SER A 271 4.73 0.87 -15.26
C SER A 271 5.02 -0.62 -15.16
N PRO A 272 4.24 -1.45 -15.85
CA PRO A 272 4.56 -2.90 -15.87
C PRO A 272 5.98 -3.22 -16.27
N ASP A 273 6.56 -2.53 -17.25
CA ASP A 273 7.92 -2.84 -17.66
CA ASP A 273 7.91 -2.82 -17.69
C ASP A 273 8.92 -2.53 -16.57
N ASP A 274 8.72 -1.44 -15.85
CA ASP A 274 9.64 -1.14 -14.76
C ASP A 274 9.47 -2.14 -13.64
N LEU A 275 8.26 -2.69 -13.47
CA LEU A 275 8.04 -3.68 -12.44
C LEU A 275 8.81 -4.97 -12.74
N GLY A 276 8.90 -5.34 -14.02
CA GLY A 276 9.68 -6.51 -14.39
C GLY A 276 11.15 -6.38 -14.03
N ARG A 277 11.71 -5.17 -14.15
CA ARG A 277 13.10 -4.97 -13.77
C ARG A 277 13.29 -5.15 -12.27
N VAL A 278 12.34 -4.70 -11.46
CA VAL A 278 12.45 -4.91 -10.02
C VAL A 278 12.47 -6.39 -9.71
N LEU A 279 11.67 -7.18 -10.43
CA LEU A 279 11.52 -8.60 -10.10
C LEU A 279 12.74 -9.42 -10.50
N ALA A 280 13.61 -8.90 -11.37
CA ALA A 280 14.84 -9.58 -11.75
C ALA A 280 15.79 -9.62 -10.56
N GLY A 281 16.16 -10.82 -10.14
CA GLY A 281 16.89 -11.01 -8.91
C GLY A 281 16.08 -11.57 -7.76
N THR A 282 14.76 -11.71 -7.94
CA THR A 282 13.84 -12.23 -6.93
C THR A 282 13.20 -13.50 -7.43
N ARG A 283 12.49 -14.18 -6.52
CA ARG A 283 11.81 -15.42 -6.86
C ARG A 283 10.44 -15.20 -7.53
N TRP A 284 10.06 -13.95 -7.82
CA TRP A 284 8.76 -13.66 -8.40
C TRP A 284 8.90 -13.31 -9.88
N ASP A 285 7.98 -13.81 -10.70
CA ASP A 285 7.92 -13.47 -12.12
C ASP A 285 6.62 -12.77 -12.43
N LEU A 286 6.69 -11.73 -13.25
CA LEU A 286 5.50 -11.07 -13.76
C LEU A 286 4.81 -12.01 -14.74
N ALA A 287 3.61 -12.48 -14.38
CA ALA A 287 2.94 -13.50 -15.19
C ALA A 287 1.92 -12.90 -16.16
N SER A 288 1.16 -11.89 -15.73
CA SER A 288 0.17 -11.28 -16.59
C SER A 288 -0.12 -9.89 -16.06
N VAL A 289 -0.63 -9.04 -16.97
CA VAL A 289 -1.04 -7.68 -16.67
C VAL A 289 -2.38 -7.45 -17.38
N GLU A 290 -3.38 -6.98 -16.64
CA GLU A 290 -4.60 -6.49 -17.26
C GLU A 290 -4.80 -5.03 -16.92
N ARG A 291 -5.24 -4.26 -17.92
CA ARG A 291 -5.34 -2.83 -17.81
C ARG A 291 -6.78 -2.36 -17.75
N ALA A 292 -6.99 -1.27 -17.02
CA ALA A 292 -8.22 -0.49 -17.07
C ALA A 292 -7.77 0.96 -16.99
N GLY A 293 -7.66 1.62 -18.15
CA GLY A 293 -7.16 2.98 -18.16
C GLY A 293 -5.71 3.03 -17.73
N VAL A 294 -5.41 3.93 -16.79
CA VAL A 294 -4.05 4.08 -16.26
C VAL A 294 -3.71 3.05 -15.20
N ARG A 295 -4.72 2.36 -14.67
CA ARG A 295 -4.47 1.34 -13.67
C ARG A 295 -4.20 -0.01 -14.34
N TYR A 296 -3.51 -0.88 -13.62
CA TYR A 296 -3.32 -2.25 -14.06
C TYR A 296 -3.35 -3.16 -12.85
N LEU A 297 -3.62 -4.44 -13.09
CA LEU A 297 -3.48 -5.48 -12.09
C LEU A 297 -2.44 -6.47 -12.61
N ALA A 298 -1.36 -6.64 -11.87
CA ALA A 298 -0.32 -7.59 -12.21
C ALA A 298 -0.45 -8.84 -11.37
N THR A 299 -0.19 -9.99 -11.99
CA THR A 299 -0.10 -11.25 -11.27
C THR A 299 1.37 -11.64 -11.25
N LEU A 300 1.95 -11.75 -10.06
CA LEU A 300 3.32 -12.22 -9.90
C LEU A 300 3.29 -13.64 -9.38
N ARG A 301 4.05 -14.52 -10.01
CA ARG A 301 4.07 -15.93 -9.62
C ARG A 301 5.39 -16.28 -8.95
N LEU A 302 5.31 -17.05 -7.87
CA LEU A 302 6.46 -17.45 -7.11
C LEU A 302 7.05 -18.73 -7.69
N ARG A 303 8.37 -18.77 -7.76
CA ARG A 303 9.11 -19.97 -8.14
C ARG A 303 10.12 -20.30 -7.04
N ASP A 304 10.70 -21.50 -7.12
CA ASP A 304 11.64 -21.95 -6.09
C ASP A 304 12.94 -21.14 -6.08
#